data_7YOH
#
_entry.id   7YOH
#
_cell.length_a   112.750
_cell.length_b   112.750
_cell.length_c   44.460
_cell.angle_alpha   90.000
_cell.angle_beta   90.000
_cell.angle_gamma   90.000
#
_symmetry.space_group_name_H-M   'I 41'
#
loop_
_entity.id
_entity.type
_entity.pdbx_description
1 polymer 'Cysteine synthase'
2 polymer 'Peptide from Serine acetyltransferase'
3 non-polymer 'CHLORIDE ION'
4 water water
#
loop_
_entity_poly.entity_id
_entity_poly.type
_entity_poly.pdbx_seq_one_letter_code
_entity_poly.pdbx_strand_id
1 'polypeptide(L)'
;MAIYADNSYSIGNTPLVRLKHFGHNGNVVVKIEGRNPSYSV(LLP)CRIGANMVWQAEKDGTLTKGKEIVDATSGNTGIA
LAYVAAARGYKLTLTMPETMSLERKRLLCGLGVNLVLTEGAKGMKGAIAKAEEIVASDPSRYVMLKQFENPANPQIHRET
TGPEIWKDTDGKVDVVVAGVGTGGSITGISRAIKLDFGKQITSVAVEPVESPVISQTLAGEEVKPGPHKIQGIGAGFIPK
NLDLSIIDRVETVDSDTALATARRLMAEEGILAGISSGAAVAAADRLAKLPEFADKLIVVILPSASERYLSTALFEGIEG
;
A
2 'polypeptide(L)' DGMNLNI P
#
loop_
_chem_comp.id
_chem_comp.type
_chem_comp.name
_chem_comp.formula
CL non-polymer 'CHLORIDE ION' 'Cl -1'
#
# COMPACT_ATOMS: atom_id res chain seq x y z
N ALA A 2 0.20 -16.37 -23.18
CA ALA A 2 -0.37 -15.15 -22.47
C ALA A 2 -1.42 -15.56 -21.44
N ILE A 3 -1.29 -16.80 -20.92
CA ILE A 3 -2.10 -17.39 -19.86
C ILE A 3 -1.23 -17.46 -18.60
N TYR A 4 -1.80 -17.17 -17.41
CA TYR A 4 -1.03 -17.21 -16.17
C TYR A 4 -1.18 -18.56 -15.47
N ALA A 5 -0.07 -19.05 -14.91
CA ALA A 5 -0.03 -20.34 -14.24
C ALA A 5 -0.83 -20.31 -12.94
N ASP A 6 -0.96 -19.11 -12.34
CA ASP A 6 -1.80 -18.89 -11.17
C ASP A 6 -2.05 -17.39 -11.01
N ASN A 7 -2.91 -17.05 -10.05
CA ASN A 7 -3.44 -15.70 -9.93
C ASN A 7 -2.34 -14.68 -9.56
N SER A 8 -1.32 -15.15 -8.82
CA SER A 8 -0.16 -14.36 -8.40
C SER A 8 0.63 -13.78 -9.58
N TYR A 9 0.70 -14.50 -10.70
CA TYR A 9 1.48 -14.08 -11.86
C TYR A 9 0.78 -12.95 -12.61
N SER A 10 -0.48 -12.69 -12.23
CA SER A 10 -1.40 -11.81 -12.96
C SER A 10 -1.39 -10.38 -12.43
N ILE A 11 -0.37 -10.02 -11.65
CA ILE A 11 -0.26 -8.71 -11.00
C ILE A 11 0.09 -7.63 -12.02
N GLY A 12 -0.32 -6.38 -11.74
CA GLY A 12 0.17 -5.22 -12.46
C GLY A 12 -0.50 -4.99 -13.82
N ASN A 13 0.24 -4.28 -14.69
CA ASN A 13 -0.23 -3.62 -15.90
C ASN A 13 -1.57 -2.92 -15.63
N THR A 14 -1.60 -2.12 -14.55
CA THR A 14 -2.80 -1.40 -14.14
C THR A 14 -2.84 -0.05 -14.87
N PRO A 15 -4.05 0.44 -15.18
CA PRO A 15 -4.20 1.60 -16.07
C PRO A 15 -4.03 3.01 -15.52
N LEU A 16 -3.67 3.93 -16.42
CA LEU A 16 -3.50 5.35 -16.19
C LEU A 16 -4.66 6.10 -16.85
N VAL A 17 -5.45 6.79 -16.01
CA VAL A 17 -6.61 7.59 -16.37
C VAL A 17 -6.29 9.06 -16.04
N ARG A 18 -6.62 10.00 -16.93
CA ARG A 18 -6.43 11.44 -16.73
C ARG A 18 -7.63 12.04 -15.99
N LEU A 19 -7.40 12.84 -14.94
CA LEU A 19 -8.49 13.39 -14.14
C LEU A 19 -9.02 14.65 -14.81
N LYS A 20 -10.35 14.88 -14.70
CA LYS A 20 -11.03 15.97 -15.41
C LYS A 20 -11.39 17.13 -14.47
N HIS A 21 -11.66 16.85 -13.19
CA HIS A 21 -12.07 17.88 -12.24
C HIS A 21 -11.01 18.11 -11.17
N PHE A 22 -9.74 17.91 -11.54
CA PHE A 22 -8.61 18.04 -10.63
C PHE A 22 -7.38 18.41 -11.44
N GLY A 23 -6.44 19.13 -10.81
CA GLY A 23 -5.29 19.62 -11.53
C GLY A 23 -5.65 20.69 -12.57
N HIS A 24 -4.78 20.85 -13.56
CA HIS A 24 -4.83 21.99 -14.48
C HIS A 24 -4.48 21.53 -15.89
N ASN A 25 -5.44 21.64 -16.82
CA ASN A 25 -5.26 21.20 -18.19
C ASN A 25 -4.85 19.74 -18.24
N GLY A 26 -5.38 18.92 -17.30
CA GLY A 26 -5.27 17.47 -17.33
C GLY A 26 -3.90 16.91 -16.89
N ASN A 27 -3.14 17.71 -16.12
CA ASN A 27 -1.79 17.34 -15.65
C ASN A 27 -1.77 16.25 -14.57
N VAL A 28 -2.94 15.89 -14.01
CA VAL A 28 -3.02 14.89 -12.94
C VAL A 28 -3.65 13.59 -13.45
N VAL A 29 -2.78 12.58 -13.56
CA VAL A 29 -3.08 11.23 -14.05
C VAL A 29 -3.00 10.28 -12.85
N VAL A 30 -3.99 9.36 -12.74
CA VAL A 30 -4.05 8.34 -11.69
C VAL A 30 -3.67 6.95 -12.21
N LYS A 31 -3.04 6.15 -11.33
CA LYS A 31 -2.79 4.72 -11.53
C LYS A 31 -3.72 3.91 -10.64
N ILE A 32 -4.46 3.01 -11.29
CA ILE A 32 -5.59 2.34 -10.65
C ILE A 32 -5.13 0.97 -10.17
N GLU A 33 -4.91 0.88 -8.85
CA GLU A 33 -4.28 -0.29 -8.24
C GLU A 33 -5.33 -1.31 -7.80
N GLY A 34 -6.62 -0.90 -7.84
CA GLY A 34 -7.75 -1.79 -7.68
C GLY A 34 -7.80 -2.89 -8.75
N ARG A 35 -7.24 -2.62 -9.95
CA ARG A 35 -7.24 -3.58 -11.05
C ARG A 35 -6.12 -4.61 -10.89
N ASN A 36 -6.19 -5.41 -9.82
CA ASN A 36 -5.21 -6.42 -9.48
C ASN A 36 -6.02 -7.61 -8.93
N PRO A 37 -5.46 -8.84 -8.83
CA PRO A 37 -6.14 -9.92 -8.06
C PRO A 37 -6.23 -9.34 -6.66
N SER A 38 -7.06 -9.86 -5.74
CA SER A 38 -7.18 -9.26 -4.39
C SER A 38 -7.56 -7.77 -4.34
N TYR A 39 -7.31 -6.96 -5.39
CA TYR A 39 -7.97 -5.68 -5.63
C TYR A 39 -7.33 -4.50 -4.87
N SER A 40 -6.03 -4.65 -4.55
CA SER A 40 -5.26 -3.65 -3.83
C SER A 40 -3.85 -3.64 -4.40
N VAL A 41 -3.12 -2.56 -4.14
CA VAL A 41 -1.72 -2.40 -4.52
C VAL A 41 -0.88 -3.55 -3.93
N1 LLP A 42 -3.31 2.71 0.62
C2 LLP A 42 -3.75 1.49 0.91
C2' LLP A 42 -5.23 1.22 0.85
C3 LLP A 42 -2.83 0.48 1.28
O3 LLP A 42 -3.30 -0.76 1.58
C4 LLP A 42 -1.45 0.78 1.32
C4' LLP A 42 -0.52 -0.27 1.72
C5 LLP A 42 -1.03 2.09 0.99
C6 LLP A 42 -2.00 3.00 0.67
C5' LLP A 42 0.40 2.55 1.03
OP4 LLP A 42 1.31 1.66 0.31
P LLP A 42 2.88 1.47 0.69
OP1 LLP A 42 3.60 1.04 -0.57
OP2 LLP A 42 3.41 2.81 1.21
OP3 LLP A 42 2.83 0.39 1.77
N LLP A 42 -1.37 -4.16 -2.84
CA LLP A 42 -0.60 -5.11 -2.04
CB LLP A 42 -1.16 -5.26 -0.63
CG LLP A 42 -1.19 -3.98 0.20
CD LLP A 42 0.12 -3.23 0.21
CE LLP A 42 0.30 -2.45 1.45
NZ LLP A 42 -0.81 -1.51 1.64
C LLP A 42 -0.50 -6.48 -2.70
O LLP A 42 0.32 -7.29 -2.31
N CYS A 43 -1.34 -6.73 -3.70
CA CYS A 43 -1.23 -7.91 -4.56
C CYS A 43 0.18 -8.13 -5.09
N ARG A 44 0.84 -7.04 -5.49
CA ARG A 44 2.18 -7.04 -6.05
C ARG A 44 3.17 -7.60 -5.01
N ILE A 45 3.14 -7.05 -3.80
CA ILE A 45 4.18 -7.38 -2.84
C ILE A 45 3.89 -8.80 -2.35
N GLY A 46 2.59 -9.03 -2.09
CA GLY A 46 1.94 -10.28 -1.73
C GLY A 46 2.45 -11.45 -2.57
N ALA A 47 2.45 -11.29 -3.89
CA ALA A 47 3.03 -12.28 -4.79
C ALA A 47 4.53 -12.49 -4.52
N ASN A 48 5.30 -11.37 -4.50
CA ASN A 48 6.75 -11.36 -4.67
C ASN A 48 7.47 -11.68 -3.36
N MET A 49 6.85 -11.37 -2.20
CA MET A 49 7.41 -11.76 -0.91
C MET A 49 7.30 -13.27 -0.76
N VAL A 50 6.20 -13.84 -1.26
CA VAL A 50 6.05 -15.28 -1.34
C VAL A 50 6.99 -15.84 -2.41
N TRP A 51 7.08 -15.19 -3.58
CA TRP A 51 8.01 -15.70 -4.57
C TRP A 51 9.43 -15.73 -4.01
N GLN A 52 9.81 -14.71 -3.23
CA GLN A 52 11.21 -14.45 -2.89
C GLN A 52 11.71 -15.45 -1.86
N ALA A 53 10.89 -15.63 -0.81
CA ALA A 53 11.06 -16.61 0.26
C ALA A 53 11.16 -18.04 -0.31
N GLU A 54 10.41 -18.32 -1.39
CA GLU A 54 10.62 -19.53 -2.16
C GLU A 54 12.01 -19.53 -2.80
N LYS A 55 12.31 -18.48 -3.61
CA LYS A 55 13.51 -18.40 -4.43
C LYS A 55 14.78 -18.58 -3.60
N ASP A 56 14.77 -18.05 -2.37
CA ASP A 56 15.92 -18.13 -1.50
C ASP A 56 15.72 -19.26 -0.48
N GLY A 57 14.53 -19.89 -0.53
CA GLY A 57 14.31 -21.16 0.13
C GLY A 57 14.05 -21.03 1.63
N THR A 58 13.50 -19.90 2.07
CA THR A 58 12.94 -19.74 3.40
C THR A 58 11.45 -20.13 3.43
N LEU A 59 10.92 -20.52 2.25
CA LEU A 59 9.56 -21.03 2.10
C LEU A 59 9.59 -22.30 1.25
N THR A 60 8.80 -23.29 1.67
CA THR A 60 8.79 -24.64 1.12
C THR A 60 7.49 -25.35 1.53
N LYS A 61 7.08 -26.32 0.70
CA LYS A 61 5.98 -27.22 0.98
C LYS A 61 6.18 -27.84 2.37
N GLY A 62 5.38 -27.37 3.34
CA GLY A 62 5.51 -27.82 4.72
C GLY A 62 5.66 -26.66 5.71
N LYS A 63 6.06 -25.50 5.19
CA LYS A 63 6.11 -24.25 5.94
C LYS A 63 4.79 -23.51 5.71
N GLU A 64 4.21 -22.99 6.80
CA GLU A 64 2.96 -22.24 6.78
C GLU A 64 3.22 -20.81 7.25
N ILE A 65 2.56 -19.83 6.62
CA ILE A 65 2.92 -18.42 6.67
C ILE A 65 2.18 -17.71 7.81
N VAL A 66 2.85 -16.72 8.42
CA VAL A 66 2.27 -15.92 9.50
C VAL A 66 2.43 -14.44 9.19
N ASP A 67 1.53 -13.63 9.78
CA ASP A 67 1.56 -12.17 9.84
C ASP A 67 0.32 -11.77 10.64
N ALA A 68 0.11 -10.47 10.88
CA ALA A 68 -1.06 -10.04 11.62
C ALA A 68 -1.87 -9.02 10.83
N THR A 69 -1.30 -8.56 9.70
CA THR A 69 -2.02 -7.74 8.72
C THR A 69 -3.29 -8.46 8.28
N SER A 70 -4.43 -7.82 8.59
CA SER A 70 -5.72 -8.20 8.01
C SER A 70 -6.23 -7.05 7.16
N GLY A 71 -5.27 -6.28 6.62
CA GLY A 71 -5.49 -5.18 5.68
C GLY A 71 -5.27 -5.66 4.26
N ASN A 72 -4.80 -4.78 3.39
CA ASN A 72 -4.66 -5.18 2.00
C ASN A 72 -3.59 -6.24 1.81
N THR A 73 -2.55 -6.22 2.67
CA THR A 73 -1.45 -7.17 2.59
C THR A 73 -1.88 -8.55 3.11
N GLY A 74 -2.79 -8.57 4.09
CA GLY A 74 -3.46 -9.78 4.54
C GLY A 74 -4.26 -10.47 3.44
N ILE A 75 -4.93 -9.68 2.59
CA ILE A 75 -5.75 -10.23 1.50
C ILE A 75 -4.83 -10.71 0.38
N ALA A 76 -3.85 -9.85 0.01
CA ALA A 76 -2.75 -10.17 -0.90
C ALA A 76 -2.13 -11.53 -0.59
N LEU A 77 -1.68 -11.74 0.66
CA LEU A 77 -0.99 -12.95 1.08
C LEU A 77 -1.96 -14.13 1.03
N ALA A 78 -3.23 -13.86 1.36
CA ALA A 78 -4.22 -14.91 1.47
C ALA A 78 -4.48 -15.49 0.08
N TYR A 79 -4.60 -14.61 -0.93
CA TYR A 79 -4.92 -15.03 -2.30
C TYR A 79 -3.76 -15.87 -2.82
N VAL A 80 -2.54 -15.38 -2.58
CA VAL A 80 -1.29 -15.98 -3.08
C VAL A 80 -1.06 -17.32 -2.41
N ALA A 81 -1.24 -17.37 -1.09
CA ALA A 81 -1.17 -18.62 -0.34
C ALA A 81 -2.11 -19.67 -0.92
N ALA A 82 -3.37 -19.28 -1.21
CA ALA A 82 -4.35 -20.21 -1.75
C ALA A 82 -3.97 -20.61 -3.17
N ALA A 83 -3.58 -19.64 -4.01
CA ALA A 83 -3.15 -19.96 -5.37
C ALA A 83 -2.00 -20.99 -5.33
N ARG A 84 -1.10 -20.88 -4.35
CA ARG A 84 0.18 -21.57 -4.38
C ARG A 84 0.33 -22.67 -3.32
N GLY A 85 -0.75 -23.05 -2.63
CA GLY A 85 -0.75 -24.26 -1.81
C GLY A 85 -0.20 -24.07 -0.39
N TYR A 86 -0.12 -22.83 0.10
CA TYR A 86 0.34 -22.62 1.46
C TYR A 86 -0.86 -22.29 2.33
N LYS A 87 -0.82 -22.79 3.56
CA LYS A 87 -1.85 -22.40 4.51
C LYS A 87 -1.32 -21.19 5.27
N LEU A 88 -2.21 -20.23 5.50
CA LEU A 88 -1.88 -18.94 6.08
C LEU A 88 -2.61 -18.82 7.41
N THR A 89 -1.91 -18.26 8.40
CA THR A 89 -2.51 -17.89 9.67
C THR A 89 -2.39 -16.38 9.76
N LEU A 90 -3.50 -15.70 10.07
CA LEU A 90 -3.41 -14.28 10.30
C LEU A 90 -3.84 -13.97 11.72
N THR A 91 -2.97 -13.23 12.42
CA THR A 91 -3.31 -12.64 13.70
C THR A 91 -4.16 -11.40 13.42
N MET A 92 -4.98 -11.03 14.39
CA MET A 92 -5.99 -9.98 14.22
C MET A 92 -6.77 -9.91 15.53
N PRO A 93 -6.86 -8.73 16.20
CA PRO A 93 -7.67 -8.60 17.41
C PRO A 93 -9.11 -9.04 17.15
N GLU A 94 -9.81 -9.45 18.23
CA GLU A 94 -11.20 -9.88 18.14
C GLU A 94 -12.14 -8.70 17.84
N THR A 95 -11.55 -7.49 17.77
CA THR A 95 -12.29 -6.23 17.64
C THR A 95 -12.73 -6.00 16.19
N MET A 96 -12.24 -6.83 15.27
CA MET A 96 -12.34 -6.62 13.82
C MET A 96 -13.77 -6.84 13.30
N SER A 97 -13.95 -6.54 12.00
CA SER A 97 -15.23 -6.62 11.31
C SER A 97 -15.49 -8.05 10.83
N LEU A 98 -16.76 -8.47 10.94
CA LEU A 98 -17.24 -9.79 10.52
C LEU A 98 -16.98 -10.01 9.02
N GLU A 99 -16.94 -8.92 8.25
CA GLU A 99 -16.90 -9.03 6.80
C GLU A 99 -15.46 -9.23 6.34
N ARG A 100 -14.49 -8.73 7.11
CA ARG A 100 -13.10 -9.07 6.81
C ARG A 100 -12.78 -10.44 7.40
N LYS A 101 -13.40 -10.74 8.55
CA LYS A 101 -13.32 -12.05 9.19
C LYS A 101 -13.93 -13.11 8.26
N ARG A 102 -14.88 -12.70 7.40
CA ARG A 102 -15.50 -13.60 6.45
C ARG A 102 -14.88 -13.49 5.06
N LEU A 103 -14.29 -12.35 4.71
CA LEU A 103 -13.50 -12.27 3.49
C LEU A 103 -12.30 -13.21 3.60
N LEU A 104 -11.65 -13.19 4.77
CA LEU A 104 -10.44 -13.96 4.96
C LEU A 104 -10.77 -15.43 5.16
N CYS A 105 -11.88 -15.72 5.86
CA CYS A 105 -12.29 -17.10 6.07
C CYS A 105 -12.92 -17.66 4.81
N GLY A 106 -13.27 -16.77 3.88
CA GLY A 106 -13.66 -17.14 2.54
C GLY A 106 -12.44 -17.45 1.69
N LEU A 107 -11.29 -16.86 2.07
CA LEU A 107 -10.06 -17.04 1.32
C LEU A 107 -9.25 -18.22 1.87
N GLY A 108 -9.73 -18.83 2.96
CA GLY A 108 -9.10 -20.02 3.50
C GLY A 108 -8.02 -19.71 4.55
N VAL A 109 -8.09 -18.49 5.12
CA VAL A 109 -7.18 -18.06 6.18
C VAL A 109 -7.58 -18.78 7.45
N ASN A 110 -6.57 -19.27 8.17
CA ASN A 110 -6.74 -19.78 9.54
C ASN A 110 -6.65 -18.57 10.46
N LEU A 111 -7.78 -17.90 10.67
CA LEU A 111 -7.79 -16.66 11.41
C LEU A 111 -7.61 -16.96 12.89
N VAL A 112 -6.84 -16.09 13.57
CA VAL A 112 -6.44 -16.29 14.96
C VAL A 112 -6.86 -15.06 15.76
N LEU A 113 -8.13 -15.05 16.20
CA LEU A 113 -8.72 -13.91 16.90
C LEU A 113 -7.89 -13.60 18.14
N THR A 114 -7.53 -12.32 18.33
CA THR A 114 -6.57 -11.91 19.35
C THR A 114 -7.30 -11.26 20.53
N GLU A 115 -7.11 -9.95 20.71
CA GLU A 115 -7.62 -9.30 21.91
C GLU A 115 -8.02 -7.84 21.66
N GLY A 116 -9.26 -7.52 22.07
CA GLY A 116 -9.82 -6.18 22.03
C GLY A 116 -9.46 -5.38 23.29
N ALA A 117 -8.56 -5.96 24.09
CA ALA A 117 -7.83 -5.27 25.14
C ALA A 117 -6.40 -5.00 24.65
N LYS A 118 -6.14 -5.28 23.37
CA LYS A 118 -4.76 -5.45 22.94
C LYS A 118 -4.46 -4.80 21.59
N GLY A 119 -5.39 -4.85 20.62
CA GLY A 119 -5.16 -4.31 19.28
C GLY A 119 -4.10 -5.05 18.46
N MET A 120 -3.16 -4.28 17.89
CA MET A 120 -2.12 -4.77 16.98
C MET A 120 -0.86 -5.26 17.69
N LYS A 121 -0.85 -5.15 19.04
CA LYS A 121 0.12 -5.80 19.91
C LYS A 121 -0.43 -7.17 20.32
N GLY A 122 -1.73 -7.19 20.68
CA GLY A 122 -2.51 -8.41 20.81
C GLY A 122 -2.46 -9.26 19.55
N ALA A 123 -2.03 -8.65 18.44
CA ALA A 123 -1.75 -9.35 17.20
C ALA A 123 -0.24 -9.53 16.98
N ILE A 124 0.49 -8.45 16.69
CA ILE A 124 1.89 -8.53 16.26
C ILE A 124 2.66 -9.56 17.09
N ALA A 125 2.56 -9.42 18.43
CA ALA A 125 3.27 -10.26 19.40
C ALA A 125 2.74 -11.70 19.39
N LYS A 126 1.46 -11.85 19.05
CA LYS A 126 0.79 -13.16 19.00
C LYS A 126 1.36 -13.98 17.84
N ALA A 127 1.30 -13.43 16.62
CA ALA A 127 1.80 -14.08 15.42
C ALA A 127 3.18 -14.68 15.71
N GLU A 128 4.05 -13.83 16.27
CA GLU A 128 5.41 -14.18 16.66
C GLU A 128 5.46 -15.47 17.47
N GLU A 129 4.51 -15.64 18.43
CA GLU A 129 4.47 -16.75 19.37
C GLU A 129 4.26 -18.10 18.68
N ILE A 130 3.50 -18.12 17.57
CA ILE A 130 3.32 -19.32 16.74
C ILE A 130 4.53 -19.48 15.81
N VAL A 131 5.12 -18.35 15.41
CA VAL A 131 6.43 -18.34 14.77
C VAL A 131 7.44 -18.95 15.75
N ALA A 132 7.26 -18.65 17.05
CA ALA A 132 8.12 -19.14 18.12
C ALA A 132 7.92 -20.63 18.38
N SER A 133 6.65 -21.05 18.50
CA SER A 133 6.27 -22.39 18.93
C SER A 133 6.64 -23.45 17.89
N ASP A 134 7.07 -23.01 16.70
CA ASP A 134 7.78 -23.83 15.72
C ASP A 134 8.39 -22.94 14.65
N PRO A 135 9.62 -22.41 14.90
CA PRO A 135 10.35 -21.59 13.91
C PRO A 135 10.97 -22.28 12.70
N SER A 136 10.63 -23.55 12.51
CA SER A 136 10.90 -24.27 11.27
C SER A 136 9.57 -24.52 10.56
N ARG A 137 8.47 -24.25 11.28
CA ARG A 137 7.11 -24.45 10.79
C ARG A 137 6.54 -23.15 10.21
N TYR A 138 6.21 -22.20 11.11
CA TYR A 138 5.78 -20.86 10.75
C TYR A 138 6.95 -20.10 10.11
N VAL A 139 6.64 -19.18 9.16
CA VAL A 139 7.55 -18.17 8.61
C VAL A 139 6.80 -16.86 8.35
N MET A 140 7.34 -15.74 8.86
CA MET A 140 6.66 -14.44 8.90
C MET A 140 7.39 -13.44 8.01
N LEU A 141 6.64 -12.77 7.13
CA LEU A 141 7.17 -12.14 5.93
C LEU A 141 7.55 -10.66 6.15
N LYS A 142 6.84 -9.99 7.05
CA LYS A 142 7.20 -8.64 7.49
C LYS A 142 7.30 -7.68 6.31
N GLN A 143 6.14 -7.15 5.89
CA GLN A 143 6.00 -6.23 4.77
C GLN A 143 6.67 -4.88 5.05
N PHE A 144 6.95 -4.56 6.32
CA PHE A 144 7.46 -3.24 6.65
C PHE A 144 8.98 -3.14 6.42
N GLU A 145 9.66 -4.30 6.35
CA GLU A 145 11.11 -4.31 6.24
C GLU A 145 11.59 -5.23 5.14
N ASN A 146 10.66 -5.96 4.50
CA ASN A 146 11.05 -6.94 3.49
C ASN A 146 11.39 -6.27 2.17
N PRO A 147 12.65 -6.38 1.68
CA PRO A 147 13.07 -5.80 0.39
C PRO A 147 12.28 -6.23 -0.84
N ALA A 148 11.80 -7.48 -0.84
CA ALA A 148 10.91 -8.00 -1.88
C ALA A 148 9.66 -7.12 -2.01
N ASN A 149 9.38 -6.27 -1.02
CA ASN A 149 8.30 -5.29 -1.04
C ASN A 149 8.59 -4.21 -2.07
N PRO A 150 9.64 -3.33 -1.90
CA PRO A 150 9.93 -2.29 -2.89
C PRO A 150 10.50 -2.87 -4.17
N GLN A 151 11.13 -4.04 -4.08
CA GLN A 151 11.73 -4.62 -5.28
C GLN A 151 10.65 -4.82 -6.36
N ILE A 152 9.49 -5.34 -5.96
CA ILE A 152 8.44 -5.61 -6.94
C ILE A 152 8.03 -4.30 -7.62
N HIS A 153 7.81 -3.25 -6.81
CA HIS A 153 7.47 -1.92 -7.32
C HIS A 153 8.51 -1.38 -8.30
N ARG A 154 9.79 -1.68 -8.04
CA ARG A 154 10.87 -1.19 -8.86
C ARG A 154 10.88 -1.92 -10.20
N GLU A 155 10.30 -3.13 -10.24
CA GLU A 155 10.42 -3.99 -11.40
C GLU A 155 9.10 -4.08 -12.18
N THR A 156 7.99 -3.53 -11.63
CA THR A 156 6.67 -3.57 -12.27
C THR A 156 5.97 -2.21 -12.22
N THR A 157 5.61 -1.75 -11.01
CA THR A 157 4.80 -0.55 -10.83
C THR A 157 5.45 0.66 -11.52
N GLY A 158 6.72 0.94 -11.18
CA GLY A 158 7.52 2.04 -11.71
C GLY A 158 7.70 1.98 -13.22
N PRO A 159 8.23 0.87 -13.79
CA PRO A 159 8.35 0.73 -15.24
C PRO A 159 7.08 0.90 -16.09
N GLU A 160 5.94 0.40 -15.58
CA GLU A 160 4.63 0.51 -16.23
C GLU A 160 4.24 1.97 -16.39
N ILE A 161 4.64 2.81 -15.43
CA ILE A 161 4.38 4.24 -15.41
C ILE A 161 5.27 4.90 -16.45
N TRP A 162 6.56 4.51 -16.45
CA TRP A 162 7.54 5.05 -17.38
C TRP A 162 7.00 4.83 -18.79
N LYS A 163 6.72 3.54 -19.07
CA LYS A 163 6.27 3.08 -20.38
C LYS A 163 4.94 3.74 -20.76
N ASP A 164 3.94 3.72 -19.88
CA ASP A 164 2.66 4.31 -20.24
C ASP A 164 2.79 5.79 -20.62
N THR A 165 3.75 6.49 -19.97
CA THR A 165 3.85 7.93 -20.08
C THR A 165 4.87 8.32 -21.13
N ASP A 166 5.53 7.33 -21.75
CA ASP A 166 6.67 7.55 -22.66
C ASP A 166 7.71 8.44 -21.99
N GLY A 167 8.08 8.09 -20.76
CA GLY A 167 9.06 8.85 -19.99
C GLY A 167 8.75 10.34 -19.87
N LYS A 168 7.46 10.68 -19.65
CA LYS A 168 7.05 12.08 -19.55
C LYS A 168 6.78 12.48 -18.10
N VAL A 169 6.29 11.51 -17.30
CA VAL A 169 6.10 11.64 -15.87
C VAL A 169 7.14 12.57 -15.24
N ASP A 170 6.65 13.53 -14.45
CA ASP A 170 7.51 14.51 -13.82
C ASP A 170 7.51 14.30 -12.31
N VAL A 171 6.35 13.91 -11.80
CA VAL A 171 6.06 13.83 -10.37
C VAL A 171 5.30 12.54 -10.14
N VAL A 172 5.54 11.91 -8.98
CA VAL A 172 4.83 10.73 -8.55
C VAL A 172 4.33 10.95 -7.12
N VAL A 173 3.02 10.78 -6.87
CA VAL A 173 2.45 11.02 -5.55
C VAL A 173 1.90 9.70 -4.95
N ALA A 174 2.33 9.35 -3.72
CA ALA A 174 1.91 8.12 -3.09
C ALA A 174 1.87 8.25 -1.56
N GLY A 175 0.76 7.86 -0.96
CA GLY A 175 0.59 7.63 0.48
C GLY A 175 1.51 6.54 1.02
N VAL A 176 1.92 6.64 2.29
CA VAL A 176 2.96 5.76 2.82
C VAL A 176 2.37 4.93 3.96
N GLY A 177 2.40 3.59 3.80
CA GLY A 177 2.17 2.60 4.86
C GLY A 177 3.49 1.94 5.25
N THR A 178 4.00 1.06 4.35
CA THR A 178 5.33 0.46 4.35
C THR A 178 6.35 1.32 3.59
N GLY A 179 5.90 2.14 2.63
CA GLY A 179 6.81 2.98 1.88
C GLY A 179 7.29 2.34 0.59
N GLY A 180 6.97 1.05 0.40
CA GLY A 180 7.48 0.24 -0.70
C GLY A 180 7.12 0.77 -2.09
N SER A 181 5.92 1.35 -2.23
CA SER A 181 5.47 1.86 -3.51
C SER A 181 6.36 3.02 -3.99
N ILE A 182 6.47 4.08 -3.18
CA ILE A 182 7.20 5.28 -3.57
C ILE A 182 8.69 4.97 -3.71
N THR A 183 9.19 4.04 -2.87
CA THR A 183 10.59 3.62 -2.82
C THR A 183 10.95 2.87 -4.11
N GLY A 184 10.22 1.79 -4.41
CA GLY A 184 10.42 1.04 -5.64
C GLY A 184 10.18 1.89 -6.89
N ILE A 185 9.00 2.52 -6.97
CA ILE A 185 8.67 3.40 -8.08
C ILE A 185 9.81 4.40 -8.29
N SER A 186 10.15 5.19 -7.25
CA SER A 186 11.21 6.20 -7.30
C SER A 186 12.55 5.67 -7.82
N ARG A 187 12.95 4.47 -7.39
CA ARG A 187 14.25 3.90 -7.75
C ARG A 187 14.27 3.49 -9.23
N ALA A 188 13.13 2.96 -9.71
CA ALA A 188 12.94 2.58 -11.10
C ALA A 188 13.17 3.79 -12.01
N ILE A 189 12.47 4.88 -11.70
CA ILE A 189 12.39 5.99 -12.64
C ILE A 189 13.65 6.84 -12.60
N LYS A 190 14.17 7.11 -11.39
CA LYS A 190 15.35 7.93 -11.22
C LYS A 190 16.63 7.13 -11.46
N LEU A 191 16.64 5.82 -11.13
CA LEU A 191 17.88 5.08 -11.13
C LEU A 191 18.02 4.20 -12.37
N ASP A 192 16.94 3.50 -12.75
CA ASP A 192 17.01 2.57 -13.86
C ASP A 192 16.81 3.32 -15.18
N PHE A 193 16.07 4.44 -15.15
CA PHE A 193 15.79 5.22 -16.33
C PHE A 193 16.67 6.48 -16.38
N GLY A 194 16.91 7.09 -15.20
CA GLY A 194 17.78 8.25 -15.06
C GLY A 194 17.07 9.60 -15.25
N LYS A 195 15.75 9.67 -14.99
CA LYS A 195 15.05 10.94 -15.02
C LYS A 195 14.76 11.45 -13.59
N GLN A 196 15.13 12.72 -13.38
CA GLN A 196 15.13 13.35 -12.08
C GLN A 196 13.76 13.96 -11.79
N ILE A 197 12.78 13.10 -11.45
CA ILE A 197 11.41 13.44 -11.11
C ILE A 197 11.32 13.89 -9.66
N THR A 198 10.09 14.22 -9.20
CA THR A 198 9.81 14.63 -7.82
C THR A 198 8.91 13.59 -7.16
N SER A 199 9.41 13.01 -6.06
CA SER A 199 8.73 11.98 -5.30
C SER A 199 8.08 12.61 -4.07
N VAL A 200 6.74 12.51 -4.04
CA VAL A 200 5.94 13.06 -2.97
C VAL A 200 5.31 11.90 -2.19
N ALA A 201 5.72 11.81 -0.92
CA ALA A 201 5.10 10.93 0.03
C ALA A 201 3.91 11.69 0.60
N VAL A 202 2.85 10.96 0.94
CA VAL A 202 1.68 11.58 1.55
C VAL A 202 1.46 10.92 2.90
N GLU A 203 1.07 11.73 3.87
CA GLU A 203 0.86 11.22 5.22
C GLU A 203 -0.27 12.03 5.81
N PRO A 204 -0.95 11.53 6.86
CA PRO A 204 -2.04 12.28 7.47
C PRO A 204 -1.47 13.45 8.26
N VAL A 205 -2.15 14.60 8.20
CA VAL A 205 -1.82 15.75 9.03
C VAL A 205 -1.89 15.34 10.49
N GLU A 206 -2.75 14.34 10.80
CA GLU A 206 -3.06 13.89 12.16
C GLU A 206 -1.91 13.07 12.77
N SER A 207 -1.10 12.42 11.90
CA SER A 207 -0.03 11.52 12.32
C SER A 207 1.24 11.73 11.49
N PRO A 208 1.77 12.96 11.43
CA PRO A 208 2.67 13.37 10.35
C PRO A 208 4.16 13.07 10.61
N VAL A 209 4.47 11.79 10.84
CA VAL A 209 5.71 11.37 11.46
C VAL A 209 6.92 11.60 10.54
N ILE A 210 6.66 11.61 9.22
CA ILE A 210 7.74 11.74 8.25
C ILE A 210 8.27 13.17 8.20
N SER A 211 7.37 14.16 8.02
CA SER A 211 7.66 15.58 8.08
C SER A 211 8.36 15.96 9.40
N GLN A 212 7.88 15.39 10.51
CA GLN A 212 8.34 15.63 11.88
C GLN A 212 9.79 15.19 12.04
N THR A 213 10.10 13.99 11.47
CA THR A 213 11.43 13.40 11.36
C THR A 213 12.36 14.28 10.52
N LEU A 214 11.92 14.57 9.29
CA LEU A 214 12.64 15.38 8.32
C LEU A 214 12.96 16.78 8.86
N ALA A 215 12.04 17.36 9.65
CA ALA A 215 12.22 18.68 10.26
C ALA A 215 12.98 18.64 11.60
N GLY A 216 13.46 17.46 12.02
CA GLY A 216 14.15 17.29 13.28
C GLY A 216 13.29 17.67 14.48
N GLU A 217 11.97 17.52 14.34
CA GLU A 217 11.05 17.75 15.43
C GLU A 217 10.79 16.42 16.14
N GLU A 218 9.96 16.50 17.19
CA GLU A 218 9.47 15.39 17.97
C GLU A 218 8.42 14.64 17.14
N VAL A 219 8.63 13.33 17.01
CA VAL A 219 7.70 12.42 16.36
C VAL A 219 6.50 12.15 17.28
N LYS A 220 5.28 12.51 16.79
CA LYS A 220 4.06 12.51 17.58
C LYS A 220 2.89 11.87 16.81
N PRO A 221 2.74 10.52 16.78
CA PRO A 221 1.69 9.90 15.98
C PRO A 221 0.33 10.18 16.62
N GLY A 222 -0.72 10.10 15.80
CA GLY A 222 -2.09 10.24 16.28
C GLY A 222 -3.08 9.43 15.44
N PRO A 223 -4.33 9.25 15.94
CA PRO A 223 -5.40 8.63 15.14
C PRO A 223 -5.85 9.49 13.97
N HIS A 224 -6.26 8.77 12.91
CA HIS A 224 -6.88 9.28 11.69
C HIS A 224 -7.76 8.18 11.11
N LYS A 225 -8.27 8.40 9.89
CA LYS A 225 -9.19 7.49 9.24
C LYS A 225 -8.68 7.09 7.86
N ILE A 226 -7.47 7.57 7.48
CA ILE A 226 -6.89 7.25 6.18
C ILE A 226 -6.32 5.83 6.23
N GLN A 227 -7.22 4.84 6.23
CA GLN A 227 -6.87 3.43 6.34
C GLN A 227 -5.85 3.08 5.25
N GLY A 228 -4.75 2.43 5.67
CA GLY A 228 -3.73 1.89 4.79
C GLY A 228 -2.42 2.69 4.82
N ILE A 229 -2.50 3.95 5.27
CA ILE A 229 -1.33 4.79 5.45
C ILE A 229 -1.30 5.27 6.90
N GLY A 230 -0.23 6.02 7.23
CA GLY A 230 -0.01 6.60 8.54
C GLY A 230 0.23 5.57 9.64
N ALA A 231 1.28 4.73 9.50
CA ALA A 231 1.64 3.75 10.51
C ALA A 231 2.07 4.36 11.85
N GLY A 232 2.58 5.60 11.88
CA GLY A 232 3.05 6.19 13.14
C GLY A 232 4.55 5.97 13.39
N PHE A 233 5.28 5.57 12.34
CA PHE A 233 6.73 5.45 12.43
C PHE A 233 7.31 5.48 11.02
N ILE A 234 8.64 5.53 10.96
CA ILE A 234 9.37 5.50 9.69
C ILE A 234 9.60 4.03 9.31
N PRO A 235 8.90 3.52 8.27
CA PRO A 235 9.07 2.13 7.88
C PRO A 235 10.47 1.99 7.31
N LYS A 236 11.09 0.83 7.53
CA LYS A 236 12.41 0.56 6.97
C LYS A 236 12.31 0.41 5.46
N ASN A 237 11.07 0.28 4.93
CA ASN A 237 10.81 0.15 3.49
C ASN A 237 10.61 1.51 2.82
N LEU A 238 10.44 2.58 3.60
CA LEU A 238 10.48 3.93 3.05
C LEU A 238 11.93 4.40 3.04
N ASP A 239 12.52 4.43 1.84
CA ASP A 239 13.81 5.02 1.56
C ASP A 239 13.70 6.55 1.63
N LEU A 240 14.02 7.14 2.79
CA LEU A 240 13.86 8.58 3.01
C LEU A 240 14.68 9.37 2.01
N SER A 241 15.65 8.71 1.36
CA SER A 241 16.66 9.35 0.51
C SER A 241 16.09 9.81 -0.83
N ILE A 242 15.21 8.99 -1.45
CA ILE A 242 14.66 9.25 -2.78
C ILE A 242 13.40 10.12 -2.68
N ILE A 243 13.05 10.60 -1.46
CA ILE A 243 11.83 11.35 -1.19
C ILE A 243 12.11 12.85 -1.28
N ASP A 244 11.53 13.54 -2.27
CA ASP A 244 11.82 14.96 -2.46
C ASP A 244 10.87 15.84 -1.64
N ARG A 245 9.66 15.34 -1.35
CA ARG A 245 8.66 16.25 -0.83
C ARG A 245 7.70 15.47 0.07
N VAL A 246 7.15 16.14 1.09
CA VAL A 246 6.14 15.49 1.93
C VAL A 246 4.93 16.41 2.05
N GLU A 247 3.77 15.88 1.68
CA GLU A 247 2.48 16.56 1.76
C GLU A 247 1.66 15.87 2.84
N THR A 248 0.98 16.65 3.67
CA THR A 248 0.06 16.15 4.70
C THR A 248 -1.38 16.40 4.25
N VAL A 249 -2.33 15.55 4.67
CA VAL A 249 -3.73 15.63 4.27
C VAL A 249 -4.59 15.15 5.44
N ASP A 250 -5.68 15.84 5.74
CA ASP A 250 -6.53 15.45 6.86
C ASP A 250 -7.55 14.40 6.39
N SER A 251 -8.23 13.78 7.36
CA SER A 251 -9.15 12.68 7.11
C SER A 251 -10.39 13.13 6.34
N ASP A 252 -10.97 14.29 6.72
CA ASP A 252 -12.14 14.85 6.05
C ASP A 252 -11.88 15.10 4.56
N THR A 253 -10.75 15.74 4.23
CA THR A 253 -10.43 16.07 2.85
C THR A 253 -10.22 14.79 2.04
N ALA A 254 -9.33 13.90 2.52
CA ALA A 254 -9.18 12.57 1.98
C ALA A 254 -10.55 11.98 1.67
N LEU A 255 -11.38 11.87 2.70
CA LEU A 255 -12.75 11.33 2.67
C LEU A 255 -13.61 12.00 1.59
N ALA A 256 -13.49 13.33 1.44
CA ALA A 256 -14.31 14.10 0.51
C ALA A 256 -13.81 13.92 -0.92
N THR A 257 -12.49 13.72 -1.05
CA THR A 257 -11.82 13.62 -2.34
C THR A 257 -12.11 12.27 -2.97
N ALA A 258 -12.28 11.24 -2.11
CA ALA A 258 -12.73 9.90 -2.47
C ALA A 258 -14.18 9.91 -2.98
N ARG A 259 -15.06 10.66 -2.29
CA ARG A 259 -16.43 10.80 -2.74
C ARG A 259 -16.49 11.49 -4.10
N ARG A 260 -15.67 12.54 -4.27
CA ARG A 260 -15.61 13.31 -5.50
C ARG A 260 -15.14 12.42 -6.65
N LEU A 261 -14.16 11.55 -6.38
CA LEU A 261 -13.58 10.68 -7.41
C LEU A 261 -14.66 9.78 -8.01
N MET A 262 -15.40 9.09 -7.14
CA MET A 262 -16.54 8.31 -7.55
C MET A 262 -17.49 9.14 -8.41
N ALA A 263 -17.98 10.25 -7.84
CA ALA A 263 -19.18 10.92 -8.29
C ALA A 263 -18.92 11.86 -9.46
N GLU A 264 -17.66 12.22 -9.69
CA GLU A 264 -17.29 13.25 -10.65
C GLU A 264 -16.38 12.68 -11.74
N GLU A 265 -15.56 11.67 -11.36
CA GLU A 265 -14.55 11.09 -12.23
C GLU A 265 -15.00 9.70 -12.69
N GLY A 266 -15.97 9.13 -12.00
CA GLY A 266 -16.38 7.75 -12.21
C GLY A 266 -15.32 6.71 -11.83
N ILE A 267 -14.48 7.03 -10.84
CA ILE A 267 -13.34 6.22 -10.45
C ILE A 267 -13.55 5.70 -9.02
N LEU A 268 -13.59 4.36 -8.86
CA LEU A 268 -13.97 3.75 -7.58
C LEU A 268 -12.79 3.68 -6.60
N ALA A 269 -12.52 4.84 -5.97
CA ALA A 269 -11.35 5.14 -5.16
C ALA A 269 -11.59 4.71 -3.71
N GLY A 270 -10.53 4.25 -3.04
CA GLY A 270 -10.59 3.95 -1.61
C GLY A 270 -10.33 5.22 -0.82
N ILE A 271 -10.21 5.15 0.51
CA ILE A 271 -9.94 6.37 1.26
C ILE A 271 -8.50 6.86 1.04
N SER A 272 -7.54 5.94 1.04
CA SER A 272 -6.16 6.37 0.81
C SER A 272 -6.05 7.08 -0.53
N SER A 273 -6.81 6.62 -1.54
CA SER A 273 -6.78 7.16 -2.89
C SER A 273 -7.19 8.64 -2.93
N GLY A 274 -8.22 8.99 -2.14
CA GLY A 274 -8.65 10.37 -1.90
C GLY A 274 -7.59 11.26 -1.25
N ALA A 275 -6.81 10.71 -0.32
CA ALA A 275 -5.68 11.40 0.31
C ALA A 275 -4.64 11.82 -0.74
N ALA A 276 -4.22 10.85 -1.57
CA ALA A 276 -3.13 11.01 -2.51
C ALA A 276 -3.51 12.01 -3.62
N VAL A 277 -4.72 11.89 -4.15
CA VAL A 277 -5.24 12.84 -5.11
C VAL A 277 -5.21 14.28 -4.55
N ALA A 278 -5.74 14.48 -3.34
CA ALA A 278 -5.90 15.81 -2.75
C ALA A 278 -4.55 16.53 -2.69
N ALA A 279 -3.50 15.75 -2.41
CA ALA A 279 -2.16 16.29 -2.29
C ALA A 279 -1.56 16.55 -3.69
N ALA A 280 -1.90 15.67 -4.65
CA ALA A 280 -1.46 15.87 -6.02
C ALA A 280 -2.07 17.15 -6.62
N ASP A 281 -3.35 17.38 -6.33
CA ASP A 281 -4.09 18.58 -6.73
C ASP A 281 -3.44 19.87 -6.20
N ARG A 282 -3.15 19.90 -4.89
CA ARG A 282 -2.37 20.97 -4.27
C ARG A 282 -1.10 21.32 -5.05
N LEU A 283 -0.24 20.31 -5.35
CA LEU A 283 0.94 20.56 -6.18
C LEU A 283 0.53 21.04 -7.57
N ALA A 284 -0.50 20.36 -8.11
CA ALA A 284 -0.94 20.52 -9.49
C ALA A 284 -1.35 21.96 -9.83
N LYS A 285 -1.68 22.74 -8.78
CA LYS A 285 -2.24 24.08 -8.95
C LYS A 285 -1.22 25.10 -8.47
N LEU A 286 0.05 24.69 -8.44
CA LEU A 286 1.20 25.56 -8.21
C LEU A 286 1.82 25.81 -9.58
N PRO A 287 1.89 27.08 -10.05
CA PRO A 287 2.62 27.40 -11.28
C PRO A 287 3.94 26.64 -11.38
N GLU A 288 4.51 26.21 -10.25
CA GLU A 288 5.79 25.50 -10.32
C GLU A 288 5.62 24.09 -10.90
N PHE A 289 4.40 23.52 -10.81
CA PHE A 289 4.12 22.21 -11.40
C PHE A 289 3.03 22.32 -12.47
N ALA A 290 3.02 23.44 -13.20
CA ALA A 290 1.99 23.75 -14.17
C ALA A 290 2.08 22.84 -15.40
N ASP A 291 3.31 22.72 -15.91
CA ASP A 291 3.59 22.03 -17.16
C ASP A 291 4.15 20.64 -16.88
N LYS A 292 3.76 20.05 -15.74
CA LYS A 292 4.39 18.86 -15.20
C LYS A 292 3.36 17.73 -15.12
N LEU A 293 3.73 16.54 -15.64
CA LEU A 293 2.80 15.42 -15.61
C LEU A 293 2.98 14.71 -14.28
N ILE A 294 1.89 14.69 -13.49
CA ILE A 294 1.87 14.15 -12.14
C ILE A 294 1.09 12.84 -12.17
N VAL A 295 1.72 11.74 -11.72
CA VAL A 295 1.10 10.42 -11.60
C VAL A 295 0.80 10.10 -10.13
N VAL A 296 -0.44 9.68 -9.84
CA VAL A 296 -0.89 9.39 -8.48
C VAL A 296 -1.25 7.92 -8.39
N ILE A 297 -0.83 7.27 -7.28
CA ILE A 297 -1.21 5.89 -6.98
C ILE A 297 -2.56 5.93 -6.27
N LEU A 298 -3.54 5.22 -6.84
CA LEU A 298 -4.78 4.92 -6.17
C LEU A 298 -4.68 3.46 -5.71
N PRO A 299 -4.35 3.24 -4.42
CA PRO A 299 -3.97 1.90 -3.93
C PRO A 299 -5.06 0.85 -3.93
N SER A 300 -6.31 1.29 -3.72
CA SER A 300 -7.44 0.39 -3.46
C SER A 300 -8.74 0.93 -4.07
N ALA A 301 -9.78 0.08 -4.06
CA ALA A 301 -11.11 0.39 -4.59
C ALA A 301 -12.11 0.59 -3.44
N SER A 302 -13.09 1.50 -3.65
CA SER A 302 -14.27 1.65 -2.81
C SER A 302 -14.81 0.25 -2.51
N GLU A 303 -15.95 0.15 -1.83
CA GLU A 303 -16.63 -1.15 -1.71
C GLU A 303 -15.96 -1.99 -0.65
N ARG A 304 -14.64 -1.90 -0.54
CA ARG A 304 -13.91 -2.39 0.61
C ARG A 304 -14.13 -1.45 1.78
N TYR A 305 -14.99 -0.42 1.62
CA TYR A 305 -14.91 0.75 2.48
C TYR A 305 -16.23 1.20 3.14
N LEU A 306 -16.11 2.36 3.80
CA LEU A 306 -17.07 3.05 4.65
C LEU A 306 -16.76 4.56 4.61
N SER A 307 -16.48 5.04 3.39
CA SER A 307 -16.52 6.43 2.99
C SER A 307 -17.92 6.77 2.48
N THR A 308 -18.93 6.06 3.00
CA THR A 308 -20.28 6.14 2.44
C THR A 308 -21.28 6.56 3.52
N ALA A 309 -20.96 7.63 4.27
CA ALA A 309 -21.86 8.26 5.22
C ALA A 309 -22.50 9.49 4.58
N ASP B 1 -1.32 -1.40 20.63
CA ASP B 1 -2.72 -1.55 20.16
C ASP B 1 -2.98 -0.62 18.98
N GLY B 2 -1.95 -0.45 18.12
CA GLY B 2 -1.95 0.52 17.03
C GLY B 2 -2.86 0.11 15.88
N MET B 3 -3.93 0.89 15.67
CA MET B 3 -5.06 0.55 14.81
C MET B 3 -4.67 0.69 13.34
N ASN B 4 -3.95 1.80 13.07
CA ASN B 4 -3.57 2.23 11.73
C ASN B 4 -2.28 1.53 11.31
N LEU B 5 -1.86 0.53 12.10
CA LEU B 5 -0.73 -0.36 11.81
C LEU B 5 -1.22 -1.60 11.05
N ASN B 6 -2.54 -1.79 10.97
CA ASN B 6 -3.06 -2.95 10.28
C ASN B 6 -3.30 -2.67 8.79
N ILE B 7 -2.17 -2.62 8.06
CA ILE B 7 -2.14 -2.25 6.66
C ILE B 7 -2.04 -3.55 5.85
CL CL C . 18.93 1.61 -4.63
#